data_5HGM
#
_entry.id   5HGM
#
_cell.length_a   90.810
_cell.length_b   90.810
_cell.length_c   56.680
_cell.angle_alpha   90.000
_cell.angle_beta   90.000
_cell.angle_gamma   120.000
#
_symmetry.space_group_name_H-M   'P 6'
#
loop_
_entity.id
_entity.type
_entity.pdbx_description
1 polymer 'Capsid protein P24'
2 non-polymer "2'-DEOXYADENOSINE 5'-TRIPHOSPHATE"
3 water water
#
_entity_poly.entity_id   1
_entity_poly.type   'polypeptide(L)'
_entity_poly.pdbx_seq_one_letter_code
;PIVQNLQGQMVHQCISPRTLNAWVKVVEEKAFSPEVIPMFSALSCGATPQDLNTMLNTVGGHQAAMQMLKETINEEAAEW
DRLHPVHAGPIAPGQMREPRGSDIAGTTSTLQEQIGWMTHNPPIPVGEIYKRWIILGLNKIVRMYSPTSILDIRQGPKEP
FRDYVDRFYKTLRAEQASQEVKNAATETLLVQNANPDCKTILKALGPGATLEEMMTACQGVGGPGHKARVL
;
_entity_poly.pdbx_strand_id   A
#
# COMPACT_ATOMS: atom_id res chain seq x y z
N PRO A 1 6.81 -8.79 15.63
CA PRO A 1 7.83 -7.98 14.97
C PRO A 1 9.23 -8.16 15.57
N ILE A 2 10.23 -7.57 14.93
CA ILE A 2 11.59 -7.47 15.48
C ILE A 2 11.83 -6.02 15.88
N VAL A 3 12.16 -5.79 17.16
CA VAL A 3 12.42 -4.45 17.69
C VAL A 3 13.60 -4.45 18.68
N GLN A 4 14.08 -3.25 19.01
CA GLN A 4 15.18 -3.08 19.96
C GLN A 4 14.68 -3.22 21.41
N ASN A 5 15.42 -3.95 22.23
CA ASN A 5 15.05 -4.15 23.65
C ASN A 5 15.55 -3.04 24.57
N GLN A 9 19.65 -4.42 21.71
CA GLN A 9 19.74 -5.61 20.85
C GLN A 9 18.40 -5.91 20.19
N MET A 10 18.45 -6.36 18.94
CA MET A 10 17.24 -6.67 18.16
C MET A 10 16.68 -8.03 18.58
N VAL A 11 15.43 -8.03 19.04
CA VAL A 11 14.74 -9.25 19.52
C VAL A 11 13.31 -9.34 18.98
N HIS A 12 12.79 -10.57 18.94
CA HIS A 12 11.43 -10.82 18.46
C HIS A 12 10.41 -10.49 19.56
N GLN A 13 9.33 -9.83 19.16
CA GLN A 13 8.17 -9.58 20.01
C GLN A 13 6.92 -10.11 19.34
N CYS A 14 5.96 -10.57 20.14
CA CYS A 14 4.66 -11.00 19.65
C CYS A 14 3.90 -9.82 19.07
N ILE A 15 3.21 -10.05 17.95
CA ILE A 15 2.30 -9.05 17.38
C ILE A 15 1.20 -8.77 18.42
N SER A 16 0.93 -7.49 18.66
CA SER A 16 0.01 -7.09 19.72
C SER A 16 -1.45 -7.23 19.28
N PRO A 17 -2.37 -7.51 20.23
CA PRO A 17 -3.80 -7.43 19.95
C PRO A 17 -4.27 -6.08 19.37
N ARG A 18 -3.66 -4.98 19.81
CA ARG A 18 -3.96 -3.66 19.28
C ARG A 18 -3.64 -3.54 17.79
N THR A 19 -2.47 -4.02 17.39
CA THR A 19 -2.06 -4.05 15.99
C THR A 19 -2.98 -4.95 15.15
N LEU A 20 -3.23 -6.16 15.66
CA LEU A 20 -4.12 -7.13 15.01
C LEU A 20 -5.52 -6.56 14.81
N ASN A 21 -6.07 -5.95 15.85
CA ASN A 21 -7.40 -5.34 15.80
C ASN A 21 -7.46 -4.12 14.87
N ALA A 22 -6.43 -3.27 14.93
CA ALA A 22 -6.35 -2.06 14.10
C ALA A 22 -6.40 -2.38 12.60
N TRP A 23 -5.60 -3.35 12.17
CA TRP A 23 -5.56 -3.75 10.75
C TRP A 23 -6.90 -4.34 10.28
N VAL A 24 -7.49 -5.21 11.10
CA VAL A 24 -8.79 -5.84 10.81
C VAL A 24 -9.89 -4.77 10.65
N LYS A 25 -9.91 -3.79 11.55
CA LYS A 25 -10.95 -2.75 11.53
C LYS A 25 -10.81 -1.75 10.38
N VAL A 26 -9.59 -1.35 10.03
CA VAL A 26 -9.35 -0.42 8.91
CA VAL A 26 -9.40 -0.41 8.92
C VAL A 26 -9.80 -1.04 7.58
N VAL A 27 -9.52 -2.33 7.40
CA VAL A 27 -9.96 -3.06 6.20
C VAL A 27 -11.49 -3.17 6.16
N GLU A 28 -12.10 -3.46 7.31
CA GLU A 28 -13.57 -3.49 7.44
C GLU A 28 -14.22 -2.13 7.13
N GLU A 29 -13.61 -1.04 7.62
CA GLU A 29 -14.16 0.31 7.48
C GLU A 29 -13.82 0.99 6.14
N LYS A 30 -12.61 0.77 5.63
CA LYS A 30 -12.11 1.47 4.42
C LYS A 30 -11.96 0.60 3.16
N ALA A 31 -12.09 -0.72 3.29
CA ALA A 31 -11.88 -1.66 2.16
C ALA A 31 -10.49 -1.48 1.52
N PHE A 32 -10.41 -1.10 0.24
CA PHE A 32 -9.13 -0.80 -0.41
C PHE A 32 -9.09 0.62 -0.95
N SER A 33 -9.51 1.57 -0.12
CA SER A 33 -9.27 2.99 -0.37
C SER A 33 -7.76 3.20 -0.25
N PRO A 34 -7.18 4.15 -1.03
CA PRO A 34 -5.71 4.28 -1.07
C PRO A 34 -5.02 4.48 0.28
N GLU A 35 -5.66 5.18 1.21
CA GLU A 35 -5.08 5.42 2.55
C GLU A 35 -4.86 4.17 3.42
N VAL A 36 -5.45 3.03 3.03
CA VAL A 36 -5.25 1.75 3.71
C VAL A 36 -3.79 1.24 3.57
N ILE A 37 -3.12 1.59 2.48
CA ILE A 37 -1.78 1.06 2.19
C ILE A 37 -0.70 1.67 3.12
N PRO A 38 -0.70 3.02 3.31
CA PRO A 38 0.17 3.60 4.35
C PRO A 38 -0.12 3.10 5.78
N MET A 39 -1.38 2.81 6.08
CA MET A 39 -1.75 2.25 7.38
C MET A 39 -1.19 0.83 7.53
N PHE A 40 -1.28 0.02 6.47
CA PHE A 40 -0.71 -1.33 6.47
C PHE A 40 0.80 -1.30 6.74
N SER A 41 1.50 -0.44 6.00
CA SER A 41 2.95 -0.28 6.14
C SER A 41 3.36 0.12 7.56
N ALA A 42 2.60 1.03 8.16
CA ALA A 42 2.88 1.52 9.52
C ALA A 42 2.59 0.47 10.58
N LEU A 43 1.44 -0.19 10.48
CA LEU A 43 1.08 -1.28 11.41
C LEU A 43 1.99 -2.50 11.29
N SER A 44 2.60 -2.71 10.12
CA SER A 44 3.57 -3.79 9.90
C SER A 44 5.04 -3.33 10.05
N CYS A 45 5.28 -2.29 10.85
CA CYS A 45 6.63 -1.81 11.13
C CYS A 45 7.41 -2.87 11.93
N GLY A 46 8.57 -3.26 11.40
CA GLY A 46 9.39 -4.31 11.99
C GLY A 46 8.85 -5.73 11.85
N ALA A 47 7.85 -5.92 10.98
CA ALA A 47 7.15 -7.20 10.88
C ALA A 47 8.00 -8.27 10.22
N THR A 48 7.91 -9.49 10.76
CA THR A 48 8.47 -10.67 10.10
C THR A 48 7.53 -11.08 8.96
N PRO A 49 8.00 -11.95 8.05
CA PRO A 49 7.08 -12.53 7.07
C PRO A 49 5.87 -13.26 7.69
N GLN A 50 6.09 -13.93 8.82
CA GLN A 50 4.99 -14.55 9.58
C GLN A 50 3.95 -13.52 10.02
N ASP A 51 4.42 -12.39 10.55
CA ASP A 51 3.54 -11.28 10.96
C ASP A 51 2.75 -10.71 9.78
N LEU A 52 3.42 -10.56 8.64
CA LEU A 52 2.75 -10.05 7.43
C LEU A 52 1.66 -11.01 6.96
N ASN A 53 1.95 -12.31 6.95
CA ASN A 53 0.93 -13.33 6.65
C ASN A 53 -0.22 -13.32 7.66
N THR A 54 0.11 -13.19 8.95
CA THR A 54 -0.91 -13.06 10.00
C THR A 54 -1.89 -11.92 9.70
N MET A 55 -1.36 -10.75 9.38
CA MET A 55 -2.19 -9.58 9.07
C MET A 55 -3.09 -9.82 7.87
N LEU A 56 -2.51 -10.35 6.79
CA LEU A 56 -3.26 -10.67 5.57
C LEU A 56 -4.31 -11.77 5.80
N ASN A 57 -3.92 -12.84 6.50
CA ASN A 57 -4.82 -13.98 6.76
C ASN A 57 -5.95 -13.71 7.76
N THR A 58 -5.79 -12.71 8.63
CA THR A 58 -6.86 -12.33 9.57
C THR A 58 -8.01 -11.54 8.91
N VAL A 59 -7.83 -11.10 7.67
CA VAL A 59 -8.89 -10.42 6.91
C VAL A 59 -9.96 -11.44 6.48
N GLY A 60 -11.20 -11.18 6.87
CA GLY A 60 -12.31 -12.10 6.61
C GLY A 60 -12.88 -12.01 5.20
N GLY A 61 -13.17 -10.80 4.75
CA GLY A 61 -13.76 -10.60 3.43
C GLY A 61 -12.73 -10.46 2.33
N HIS A 62 -13.17 -9.93 1.20
CA HIS A 62 -12.31 -9.51 0.09
C HIS A 62 -11.37 -10.60 -0.44
N GLN A 63 -11.87 -11.83 -0.52
CA GLN A 63 -11.04 -12.98 -0.92
C GLN A 63 -10.65 -12.98 -2.41
N ALA A 64 -11.40 -12.25 -3.24
CA ALA A 64 -10.98 -11.98 -4.62
C ALA A 64 -9.66 -11.19 -4.62
N ALA A 65 -9.63 -10.12 -3.83
CA ALA A 65 -8.43 -9.30 -3.65
C ALA A 65 -7.26 -10.08 -3.04
N MET A 66 -7.55 -10.89 -2.02
CA MET A 66 -6.51 -11.70 -1.37
C MET A 66 -5.92 -12.76 -2.31
N GLN A 67 -6.74 -13.30 -3.21
CA GLN A 67 -6.25 -14.23 -4.23
C GLN A 67 -5.38 -13.52 -5.27
N MET A 68 -5.78 -12.32 -5.70
CA MET A 68 -4.95 -11.50 -6.59
C MET A 68 -3.60 -11.13 -5.94
N LEU A 69 -3.63 -10.88 -4.63
CA LEU A 69 -2.41 -10.59 -3.88
C LEU A 69 -1.44 -11.77 -3.88
N LYS A 70 -1.96 -12.99 -3.73
CA LYS A 70 -1.15 -14.22 -3.83
C LYS A 70 -0.47 -14.35 -5.19
N GLU A 71 -1.19 -14.01 -6.27
CA GLU A 71 -0.63 -14.04 -7.62
C GLU A 71 0.53 -13.08 -7.78
N THR A 72 0.37 -11.86 -7.28
CA THR A 72 1.46 -10.86 -7.28
C THR A 72 2.64 -11.34 -6.46
N ILE A 73 2.37 -11.88 -5.27
CA ILE A 73 3.41 -12.45 -4.39
C ILE A 73 4.18 -13.58 -5.09
N ASN A 74 3.46 -14.49 -5.75
CA ASN A 74 4.08 -15.58 -6.50
C ASN A 74 4.93 -15.09 -7.69
N GLU A 75 4.44 -14.06 -8.37
CA GLU A 75 5.20 -13.41 -9.46
C GLU A 75 6.51 -12.78 -8.97
N GLU A 76 6.44 -12.06 -7.86
CA GLU A 76 7.63 -11.44 -7.25
C GLU A 76 8.59 -12.49 -6.67
N ALA A 77 8.03 -13.55 -6.08
CA ALA A 77 8.83 -14.67 -5.57
C ALA A 77 9.59 -15.41 -6.68
N ALA A 78 8.93 -15.59 -7.83
CA ALA A 78 9.56 -16.23 -8.99
C ALA A 78 10.69 -15.37 -9.57
N GLU A 79 10.48 -14.05 -9.58
CA GLU A 79 11.52 -13.11 -10.02
C GLU A 79 12.72 -13.07 -9.05
N TRP A 80 12.46 -13.23 -7.76
CA TRP A 80 13.54 -13.35 -6.77
C TRP A 80 14.41 -14.59 -7.01
N ASP A 81 13.77 -15.73 -7.27
CA ASP A 81 14.48 -16.99 -7.53
C ASP A 81 15.33 -16.95 -8.80
N ARG A 82 14.87 -16.20 -9.81
CA ARG A 82 15.63 -16.01 -11.04
C ARG A 82 16.93 -15.22 -10.80
N LEU A 83 16.82 -14.17 -10.00
CA LEU A 83 17.96 -13.31 -9.65
C LEU A 83 18.84 -13.87 -8.51
N HIS A 84 18.26 -14.69 -7.64
CA HIS A 84 18.96 -15.20 -6.45
C HIS A 84 18.77 -16.72 -6.30
N PRO A 85 19.46 -17.54 -7.13
CA PRO A 85 19.35 -19.00 -7.00
C PRO A 85 20.03 -19.54 -5.75
N VAL A 86 19.40 -20.52 -5.09
CA VAL A 86 19.94 -21.17 -3.89
C VAL A 86 20.72 -22.43 -4.25
N HIS A 87 21.70 -22.75 -3.40
CA HIS A 87 22.55 -23.94 -3.59
C HIS A 87 21.95 -25.16 -2.90
N ILE A 91 22.89 -28.59 3.61
CA ILE A 91 23.59 -27.38 4.05
C ILE A 91 24.59 -27.66 5.18
N ALA A 92 25.60 -26.80 5.27
CA ALA A 92 26.52 -26.74 6.42
C ALA A 92 25.77 -26.76 7.76
N PRO A 93 26.10 -27.73 8.65
CA PRO A 93 25.46 -27.81 9.97
C PRO A 93 25.52 -26.51 10.80
N GLY A 94 24.35 -26.08 11.29
CA GLY A 94 24.26 -24.90 12.15
C GLY A 94 24.49 -23.56 11.49
N GLN A 95 24.39 -23.51 10.16
CA GLN A 95 24.62 -22.29 9.40
C GLN A 95 23.34 -21.79 8.73
N MET A 96 23.38 -20.53 8.32
CA MET A 96 22.24 -19.82 7.76
C MET A 96 22.08 -20.14 6.27
N ARG A 97 20.93 -20.69 5.88
CA ARG A 97 20.64 -20.96 4.46
C ARG A 97 20.18 -19.71 3.73
N GLU A 98 20.32 -19.72 2.40
CA GLU A 98 19.90 -18.59 1.57
C GLU A 98 18.39 -18.64 1.36
N PRO A 99 17.71 -17.49 1.51
CA PRO A 99 16.25 -17.48 1.36
C PRO A 99 15.80 -17.47 -0.10
N ARG A 100 14.90 -18.38 -0.46
CA ARG A 100 14.22 -18.34 -1.76
C ARG A 100 12.96 -17.47 -1.63
N GLY A 101 12.22 -17.32 -2.73
CA GLY A 101 11.02 -16.48 -2.77
C GLY A 101 9.94 -16.90 -1.77
N SER A 102 9.65 -18.19 -1.72
CA SER A 102 8.71 -18.75 -0.75
C SER A 102 9.14 -18.64 0.72
N ASP A 103 10.46 -18.56 0.97
CA ASP A 103 10.99 -18.28 2.31
C ASP A 103 10.75 -16.84 2.73
N ILE A 104 10.95 -15.91 1.79
CA ILE A 104 10.64 -14.49 2.00
C ILE A 104 9.14 -14.28 2.24
N ALA A 105 8.30 -15.01 1.49
CA ALA A 105 6.84 -14.95 1.65
C ALA A 105 6.30 -15.69 2.90
N GLY A 106 7.18 -16.40 3.61
CA GLY A 106 6.81 -17.03 4.88
C GLY A 106 6.13 -18.39 4.79
N THR A 107 6.04 -18.96 3.59
CA THR A 107 5.33 -20.22 3.38
C THR A 107 6.20 -21.46 3.59
N THR A 108 7.50 -21.35 3.28
CA THR A 108 8.46 -22.45 3.44
C THR A 108 9.59 -22.15 4.44
N SER A 109 9.47 -21.05 5.19
CA SER A 109 10.45 -20.66 6.22
C SER A 109 9.80 -20.67 7.60
N THR A 110 10.59 -20.98 8.61
CA THR A 110 10.16 -20.94 10.01
C THR A 110 10.40 -19.55 10.58
N LEU A 111 9.78 -19.27 11.73
CA LEU A 111 9.97 -18.00 12.44
C LEU A 111 11.43 -17.79 12.85
N GLN A 112 12.11 -18.86 13.27
CA GLN A 112 13.52 -18.79 13.69
C GLN A 112 14.45 -18.46 12.52
N GLU A 113 14.19 -19.04 11.36
CA GLU A 113 14.93 -18.69 10.13
C GLU A 113 14.71 -17.24 9.73
N GLN A 114 13.46 -16.76 9.83
CA GLN A 114 13.13 -15.36 9.56
C GLN A 114 13.85 -14.41 10.52
N ILE A 115 13.85 -14.75 11.81
CA ILE A 115 14.61 -14.02 12.83
C ILE A 115 16.11 -14.05 12.53
N GLY A 116 16.61 -15.23 12.13
CA GLY A 116 18.02 -15.40 11.75
C GLY A 116 18.47 -14.51 10.60
N TRP A 117 17.63 -14.37 9.58
CA TRP A 117 17.93 -13.50 8.44
C TRP A 117 17.86 -12.02 8.80
N MET A 118 16.77 -11.63 9.48
CA MET A 118 16.51 -10.22 9.82
C MET A 118 17.48 -9.62 10.84
N THR A 119 18.05 -10.45 11.72
CA THR A 119 19.01 -10.00 12.74
C THR A 119 20.48 -10.34 12.44
N HIS A 120 20.76 -10.83 11.23
CA HIS A 120 22.12 -11.15 10.79
C HIS A 120 22.94 -9.86 10.61
N ASN A 121 24.26 -9.98 10.60
CA ASN A 121 25.17 -8.87 10.31
C ASN A 121 26.10 -9.25 9.14
N PRO A 122 25.86 -8.74 7.92
CA PRO A 122 24.79 -7.82 7.57
C PRO A 122 23.41 -8.49 7.49
N PRO A 123 22.32 -7.72 7.72
CA PRO A 123 20.98 -8.30 7.73
C PRO A 123 20.41 -8.58 6.34
N ILE A 124 19.68 -9.68 6.21
CA ILE A 124 18.93 -10.02 4.99
C ILE A 124 17.46 -9.72 5.31
N PRO A 125 16.98 -8.51 4.96
CA PRO A 125 15.70 -8.03 5.49
C PRO A 125 14.49 -8.65 4.77
N VAL A 126 14.19 -9.90 5.12
CA VAL A 126 13.09 -10.66 4.48
C VAL A 126 11.71 -10.04 4.74
N GLY A 127 11.53 -9.41 5.89
CA GLY A 127 10.29 -8.70 6.23
C GLY A 127 10.03 -7.50 5.33
N GLU A 128 11.07 -6.70 5.09
CA GLU A 128 10.96 -5.52 4.23
C GLU A 128 10.85 -5.88 2.74
N ILE A 129 11.53 -6.94 2.32
CA ILE A 129 11.42 -7.41 0.94
C ILE A 129 9.98 -7.90 0.66
N TYR A 130 9.43 -8.67 1.60
CA TYR A 130 8.07 -9.21 1.45
C TYR A 130 6.99 -8.13 1.52
N LYS A 131 7.16 -7.16 2.43
CA LYS A 131 6.25 -6.02 2.53
C LYS A 131 6.18 -5.22 1.22
N ARG A 132 7.34 -5.07 0.56
CA ARG A 132 7.40 -4.43 -0.76
C ARG A 132 6.54 -5.18 -1.78
N TRP A 133 6.64 -6.51 -1.80
CA TRP A 133 5.81 -7.33 -2.70
C TRP A 133 4.32 -7.19 -2.38
N ILE A 134 3.98 -7.17 -1.09
CA ILE A 134 2.59 -7.05 -0.65
C ILE A 134 2.01 -5.70 -1.05
N ILE A 135 2.75 -4.62 -0.78
CA ILE A 135 2.31 -3.25 -1.13
C ILE A 135 2.14 -3.10 -2.66
N LEU A 136 3.03 -3.71 -3.43
CA LEU A 136 2.91 -3.77 -4.89
C LEU A 136 1.58 -4.40 -5.31
N GLY A 137 1.25 -5.53 -4.69
CA GLY A 137 -0.02 -6.20 -4.93
C GLY A 137 -1.23 -5.43 -4.44
N LEU A 138 -1.09 -4.77 -3.29
CA LEU A 138 -2.18 -3.95 -2.73
C LEU A 138 -2.48 -2.70 -3.59
N ASN A 139 -1.44 -2.08 -4.16
CA ASN A 139 -1.64 -0.94 -5.08
C ASN A 139 -2.41 -1.31 -6.35
N LYS A 140 -2.15 -2.50 -6.89
CA LYS A 140 -2.91 -3.02 -8.03
C LYS A 140 -4.39 -3.23 -7.70
N ILE A 141 -4.67 -3.70 -6.48
CA ILE A 141 -6.04 -3.90 -6.00
C ILE A 141 -6.75 -2.55 -5.81
N VAL A 142 -6.05 -1.57 -5.24
CA VAL A 142 -6.56 -0.20 -5.08
C VAL A 142 -6.96 0.38 -6.44
N ARG A 143 -6.11 0.19 -7.45
CA ARG A 143 -6.36 0.70 -8.80
C ARG A 143 -7.56 0.06 -9.49
N MET A 144 -7.67 -1.26 -9.38
CA MET A 144 -8.80 -2.00 -9.98
C MET A 144 -10.14 -1.66 -9.31
N TYR A 145 -10.12 -1.48 -7.99
CA TYR A 145 -11.34 -1.22 -7.21
C TYR A 145 -11.70 0.28 -7.16
N SER A 146 -10.87 1.14 -7.75
CA SER A 146 -11.20 2.55 -7.97
C SER A 146 -12.46 2.66 -8.86
N PRO A 147 -13.55 3.26 -8.33
CA PRO A 147 -14.83 3.19 -9.06
C PRO A 147 -14.96 4.09 -10.30
N THR A 148 -14.24 5.22 -10.34
CA THR A 148 -14.48 6.25 -11.35
C THR A 148 -13.18 6.72 -12.02
N SER A 149 -13.26 7.03 -13.31
CA SER A 149 -12.17 7.64 -14.05
C SER A 149 -12.08 9.13 -13.72
N ILE A 150 -10.86 9.67 -13.75
CA ILE A 150 -10.65 11.12 -13.55
C ILE A 150 -11.38 11.97 -14.62
N LEU A 151 -11.57 11.41 -15.80
CA LEU A 151 -12.33 12.05 -16.88
C LEU A 151 -13.80 12.34 -16.52
N ASP A 152 -14.38 11.51 -15.65
CA ASP A 152 -15.76 11.67 -15.19
C ASP A 152 -15.94 12.49 -13.90
N ILE A 153 -14.84 13.00 -13.33
CA ILE A 153 -14.91 13.91 -12.18
C ILE A 153 -15.01 15.34 -12.69
N ARG A 154 -16.23 15.86 -12.76
CA ARG A 154 -16.50 17.23 -13.19
C ARG A 154 -17.30 17.98 -12.14
N GLN A 155 -17.03 19.28 -12.02
CA GLN A 155 -17.68 20.13 -11.01
C GLN A 155 -19.15 20.35 -11.37
N GLY A 156 -20.02 20.20 -10.37
CA GLY A 156 -21.45 20.45 -10.54
C GLY A 156 -21.75 21.93 -10.65
N PRO A 157 -22.94 22.30 -11.19
CA PRO A 157 -23.36 23.70 -11.29
C PRO A 157 -23.32 24.48 -9.97
N LYS A 158 -23.76 23.85 -8.88
CA LYS A 158 -23.80 24.47 -7.54
C LYS A 158 -22.84 23.83 -6.54
N GLU A 159 -21.95 22.94 -7.00
CA GLU A 159 -20.97 22.30 -6.14
C GLU A 159 -19.85 23.29 -5.81
N PRO A 160 -19.52 23.44 -4.50
CA PRO A 160 -18.34 24.22 -4.12
C PRO A 160 -17.05 23.68 -4.76
N PHE A 161 -16.20 24.59 -5.22
CA PHE A 161 -14.94 24.21 -5.89
C PHE A 161 -14.07 23.31 -5.01
N ARG A 162 -14.01 23.59 -3.72
CA ARG A 162 -13.29 22.77 -2.73
C ARG A 162 -13.76 21.31 -2.72
N ASP A 163 -15.08 21.11 -2.73
CA ASP A 163 -15.65 19.76 -2.75
C ASP A 163 -15.33 19.03 -4.05
N TYR A 164 -15.36 19.78 -5.16
CA TYR A 164 -14.97 19.24 -6.47
C TYR A 164 -13.48 18.83 -6.52
N VAL A 165 -12.60 19.68 -5.97
CA VAL A 165 -11.17 19.39 -5.95
C VAL A 165 -10.87 18.17 -5.04
N ASP A 166 -11.60 18.05 -3.93
CA ASP A 166 -11.51 16.85 -3.07
C ASP A 166 -11.83 15.57 -3.85
N ARG A 167 -12.92 15.57 -4.61
CA ARG A 167 -13.29 14.41 -5.44
C ARG A 167 -12.24 14.14 -6.54
N PHE A 168 -11.72 15.21 -7.13
CA PHE A 168 -10.73 15.13 -8.22
C PHE A 168 -9.45 14.42 -7.78
N TYR A 169 -8.84 14.89 -6.68
CA TYR A 169 -7.59 14.31 -6.18
C TYR A 169 -7.78 13.01 -5.39
N LYS A 170 -8.97 12.77 -4.86
CA LYS A 170 -9.34 11.46 -4.30
C LYS A 170 -9.31 10.41 -5.41
N THR A 171 -9.98 10.71 -6.53
CA THR A 171 -10.03 9.83 -7.69
C THR A 171 -8.64 9.62 -8.30
N LEU A 172 -7.87 10.71 -8.41
CA LEU A 172 -6.51 10.65 -8.96
C LEU A 172 -5.58 9.77 -8.13
N ARG A 173 -5.73 9.83 -6.80
CA ARG A 173 -4.95 8.98 -5.89
C ARG A 173 -5.26 7.50 -6.08
N ALA A 174 -6.54 7.15 -6.22
CA ALA A 174 -6.97 5.76 -6.45
C ALA A 174 -6.56 5.25 -7.83
N GLU A 175 -6.70 6.08 -8.85
CA GLU A 175 -6.31 5.74 -10.23
C GLU A 175 -4.80 5.58 -10.41
N GLN A 176 -4.03 6.52 -9.83
CA GLN A 176 -2.57 6.51 -9.94
C GLN A 176 -1.96 5.69 -8.80
N THR A 188 -4.25 21.34 -15.84
CA THR A 188 -4.99 21.46 -17.10
C THR A 188 -6.36 20.81 -17.01
N LEU A 189 -6.38 19.53 -16.65
CA LEU A 189 -7.64 18.77 -16.54
C LEU A 189 -8.54 19.28 -15.40
N LEU A 190 -7.95 19.76 -14.31
CA LEU A 190 -8.70 20.36 -13.20
C LEU A 190 -9.52 21.57 -13.66
N VAL A 191 -8.92 22.39 -14.54
CA VAL A 191 -9.59 23.56 -15.10
C VAL A 191 -10.68 23.15 -16.10
N GLN A 192 -10.35 22.20 -16.99
CA GLN A 192 -11.29 21.73 -18.02
C GLN A 192 -12.55 21.10 -17.44
N ASN A 193 -12.36 20.32 -16.38
CA ASN A 193 -13.48 19.65 -15.70
C ASN A 193 -14.27 20.54 -14.71
N ALA A 194 -13.81 21.77 -14.47
CA ALA A 194 -14.55 22.74 -13.66
C ALA A 194 -15.81 23.25 -14.38
N ASN A 195 -16.73 23.84 -13.62
CA ASN A 195 -17.99 24.36 -14.19
C ASN A 195 -17.75 25.69 -14.93
N PRO A 196 -18.70 26.12 -15.80
CA PRO A 196 -18.50 27.33 -16.60
C PRO A 196 -18.03 28.58 -15.85
N ASP A 197 -18.64 28.85 -14.69
CA ASP A 197 -18.34 30.05 -13.90
C ASP A 197 -16.92 30.03 -13.34
N CYS A 198 -16.55 28.91 -12.70
CA CYS A 198 -15.20 28.77 -12.15
CA CYS A 198 -15.21 28.69 -12.15
C CYS A 198 -14.14 28.65 -13.25
N LYS A 199 -14.45 27.93 -14.34
CA LYS A 199 -13.52 27.78 -15.48
C LYS A 199 -13.08 29.13 -16.05
N THR A 200 -14.04 30.04 -16.25
CA THR A 200 -13.76 31.39 -16.75
C THR A 200 -12.82 32.17 -15.82
N ILE A 201 -13.02 32.02 -14.51
CA ILE A 201 -12.14 32.65 -13.50
C ILE A 201 -10.73 32.06 -13.57
N LEU A 202 -10.64 30.73 -13.65
CA LEU A 202 -9.34 30.04 -13.68
C LEU A 202 -8.53 30.30 -14.96
N LYS A 203 -9.22 30.44 -16.09
CA LYS A 203 -8.57 30.86 -17.35
C LYS A 203 -7.96 32.26 -17.25
N ALA A 204 -8.65 33.17 -16.55
CA ALA A 204 -8.19 34.54 -16.37
C ALA A 204 -6.95 34.67 -15.47
N LEU A 205 -6.74 33.71 -14.57
CA LEU A 205 -5.55 33.70 -13.71
C LEU A 205 -4.25 33.56 -14.49
N GLY A 206 -4.28 32.78 -15.57
CA GLY A 206 -3.12 32.59 -16.45
C GLY A 206 -2.30 31.37 -16.08
N PRO A 207 -1.13 31.20 -16.73
CA PRO A 207 -0.24 30.07 -16.41
C PRO A 207 0.47 30.23 -15.07
N GLY A 208 0.93 29.11 -14.52
CA GLY A 208 1.69 29.09 -13.27
C GLY A 208 0.88 29.34 -12.01
N ALA A 209 -0.44 29.12 -12.09
CA ALA A 209 -1.32 29.29 -10.93
C ALA A 209 -1.20 28.08 -10.01
N THR A 210 -0.96 28.33 -8.72
CA THR A 210 -0.92 27.26 -7.71
C THR A 210 -2.34 26.82 -7.38
N LEU A 211 -2.47 25.64 -6.78
CA LEU A 211 -3.78 25.13 -6.34
C LEU A 211 -4.44 26.08 -5.33
N GLU A 212 -3.64 26.58 -4.38
CA GLU A 212 -4.09 27.59 -3.41
C GLU A 212 -4.74 28.81 -4.08
N GLU A 213 -4.06 29.35 -5.09
CA GLU A 213 -4.56 30.52 -5.83
C GLU A 213 -5.83 30.20 -6.62
N MET A 214 -5.88 29.03 -7.26
CA MET A 214 -7.07 28.57 -7.98
C MET A 214 -8.27 28.37 -7.03
N MET A 215 -8.02 27.78 -5.88
CA MET A 215 -9.06 27.55 -4.88
C MET A 215 -9.57 28.84 -4.23
N THR A 216 -8.67 29.79 -3.99
CA THR A 216 -9.05 31.12 -3.50
C THR A 216 -9.90 31.88 -4.54
N ALA A 217 -9.52 31.76 -5.81
CA ALA A 217 -10.21 32.45 -6.91
C ALA A 217 -11.66 32.01 -7.11
N CYS A 218 -11.89 30.70 -7.05
CA CYS A 218 -13.23 30.12 -7.21
C CYS A 218 -14.02 29.97 -5.88
N GLN A 219 -13.49 30.51 -4.79
CA GLN A 219 -14.19 30.51 -3.49
C GLN A 219 -15.32 31.55 -3.51
#